data_2XU2
#
_entry.id   2XU2
#
_cell.length_a   90.830
_cell.length_b   90.830
_cell.length_c   118.850
_cell.angle_alpha   90.00
_cell.angle_beta   90.00
_cell.angle_gamma   90.00
#
_symmetry.space_group_name_H-M   'I 41 2 2'
#
loop_
_entity.id
_entity.type
_entity.pdbx_description
1 polymer 'UPF0271 PROTEIN PA4511'
2 non-polymer 'CITRIC ACID'
3 water water
#
_entity_poly.entity_id   1
_entity_poly.type   'polypeptide(L)'
_entity_poly.pdbx_seq_one_letter_code
;GANDTGRRILLNCDMGESFGAWRMGDDVHSMPLVDQANLACGFHAGDPLTMRRAVELAVRHGVSIGAHPAYPDLSGFGRR
SLACSAEEVHAMVLYQIGALDAFCRSLGTQVAYVKPHGALYNDLVGDDELLRAVLDACAAYRKGLPLMVLALADNGRELE
LADEADVPLLFEAFADRAYLPDGRLAPRRLGGAVHHDPQRIIEQALAIARGEAFPDYDGNPLRLTADSLCVHGDNPQSLA
VLRRLRAALDSL
;
_entity_poly.pdbx_strand_id   A
#
# COMPACT_ATOMS: atom_id res chain seq x y z
N ARG A 8 15.35 10.03 -4.24
CA ARG A 8 14.89 10.21 -2.82
C ARG A 8 13.66 9.33 -2.53
N ILE A 9 12.44 9.90 -2.59
CA ILE A 9 11.23 9.15 -2.22
C ILE A 9 10.80 8.17 -3.32
N LEU A 10 10.30 7.02 -2.90
CA LEU A 10 9.92 5.94 -3.82
C LEU A 10 8.43 6.05 -4.14
N LEU A 11 8.07 5.76 -5.39
CA LEU A 11 6.66 5.69 -5.79
C LEU A 11 6.13 4.28 -5.71
N ASN A 12 4.99 4.12 -5.03
CA ASN A 12 4.31 2.82 -4.96
C ASN A 12 2.92 2.89 -5.58
N CYS A 13 2.37 1.73 -5.94
CA CYS A 13 1.06 1.69 -6.59
C CYS A 13 0.45 0.30 -6.47
N ASP A 14 -0.80 0.26 -6.04
CA ASP A 14 -1.52 -0.99 -5.90
C ASP A 14 -1.86 -1.56 -7.27
N MET A 15 -1.38 -2.76 -7.54
CA MET A 15 -1.51 -3.38 -8.87
C MET A 15 -1.80 -4.89 -8.77
N GLY A 16 -2.07 -5.53 -9.90
CA GLY A 16 -2.48 -6.93 -9.94
C GLY A 16 -3.83 -7.13 -9.25
N GLU A 17 -4.70 -6.13 -9.40
CA GLU A 17 -5.97 -6.08 -8.69
C GLU A 17 -7.16 -6.43 -9.60
N SER A 18 -6.84 -6.81 -10.83
CA SER A 18 -7.79 -7.51 -11.70
C SER A 18 -8.19 -8.83 -11.05
N PHE A 19 -9.27 -9.43 -11.55
CA PHE A 19 -9.81 -10.67 -10.98
C PHE A 19 -10.70 -11.32 -12.01
N GLY A 20 -10.41 -12.57 -12.36
CA GLY A 20 -11.05 -13.28 -13.47
C GLY A 20 -11.09 -12.47 -14.75
N ALA A 21 -12.29 -12.33 -15.31
CA ALA A 21 -12.55 -11.53 -16.51
C ALA A 21 -12.56 -10.02 -16.26
N TRP A 22 -12.59 -9.60 -14.98
CA TRP A 22 -12.62 -8.17 -14.63
C TRP A 22 -11.25 -7.55 -14.53
N ARG A 23 -11.13 -6.37 -15.13
CA ARG A 23 -9.91 -5.60 -15.12
C ARG A 23 -10.00 -4.48 -14.06
N MET A 24 -8.93 -4.32 -13.28
CA MET A 24 -8.78 -3.14 -12.42
C MET A 24 -7.46 -2.44 -12.75
N GLY A 25 -7.50 -1.12 -12.71
CA GLY A 25 -6.32 -0.29 -12.96
C GLY A 25 -5.87 -0.32 -14.40
N ASP A 26 -4.58 -0.02 -14.60
CA ASP A 26 -3.95 -0.07 -15.92
C ASP A 26 -2.48 -0.39 -15.69
N ASP A 27 -2.22 -1.62 -15.23
CA ASP A 27 -0.91 -2.04 -14.77
C ASP A 27 0.20 -1.87 -15.81
N VAL A 28 -0.13 -2.08 -17.08
CA VAL A 28 0.86 -1.97 -18.16
C VAL A 28 1.41 -0.54 -18.29
N HIS A 29 0.60 0.45 -17.98
CA HIS A 29 1.03 1.85 -18.03
C HIS A 29 1.75 2.26 -16.75
N SER A 30 1.22 1.84 -15.61
CA SER A 30 1.69 2.32 -14.32
C SER A 30 2.98 1.65 -13.87
N MET A 31 3.17 0.41 -14.28
CA MET A 31 4.33 -0.37 -13.82
C MET A 31 5.68 0.28 -14.18
N PRO A 32 5.84 0.77 -15.42
CA PRO A 32 7.12 1.39 -15.78
C PRO A 32 7.42 2.72 -15.10
N LEU A 33 6.45 3.29 -14.40
CA LEU A 33 6.60 4.61 -13.80
C LEU A 33 6.87 4.56 -12.28
N VAL A 34 6.75 3.39 -11.68
CA VAL A 34 6.84 3.26 -10.22
C VAL A 34 8.06 2.44 -9.78
N ASP A 35 8.40 2.56 -8.51
CA ASP A 35 9.52 1.80 -7.93
C ASP A 35 9.05 0.53 -7.24
N GLN A 36 7.77 0.51 -6.87
CA GLN A 36 7.21 -0.48 -5.97
C GLN A 36 5.80 -0.89 -6.42
N ALA A 37 5.57 -2.19 -6.59
CA ALA A 37 4.28 -2.72 -7.02
C ALA A 37 3.68 -3.55 -5.89
N ASN A 38 2.62 -3.02 -5.28
CA ASN A 38 1.92 -3.70 -4.18
C ASN A 38 0.89 -4.65 -4.80
N LEU A 39 1.20 -5.94 -4.89
CA LEU A 39 0.36 -6.88 -5.66
C LEU A 39 -0.65 -7.64 -4.81
N ALA A 40 -1.90 -7.67 -5.28
CA ALA A 40 -2.97 -8.39 -4.60
C ALA A 40 -2.64 -9.87 -4.44
N CYS A 41 -3.27 -10.51 -3.45
CA CYS A 41 -2.97 -11.92 -3.13
C CYS A 41 -4.21 -12.82 -3.11
N GLY A 42 -5.29 -12.40 -3.77
CA GLY A 42 -6.47 -13.25 -3.96
C GLY A 42 -7.59 -13.11 -2.95
N PHE A 43 -7.41 -12.22 -1.97
CA PHE A 43 -8.42 -12.05 -0.92
C PHE A 43 -9.33 -10.88 -1.23
N HIS A 44 -8.79 -9.82 -1.82
CA HIS A 44 -9.65 -8.70 -2.32
C HIS A 44 -9.67 -8.59 -3.83
N ALA A 45 -8.80 -9.36 -4.47
CA ALA A 45 -8.50 -9.22 -5.87
C ALA A 45 -7.29 -10.10 -6.17
N GLY A 46 -6.94 -10.22 -7.44
CA GLY A 46 -5.76 -10.95 -7.85
C GLY A 46 -5.91 -12.45 -7.72
N ASP A 47 -6.67 -13.07 -8.62
CA ASP A 47 -6.67 -14.53 -8.78
C ASP A 47 -5.26 -15.04 -9.14
N PRO A 48 -5.03 -16.36 -9.08
CA PRO A 48 -3.66 -16.83 -9.31
C PRO A 48 -3.03 -16.42 -10.66
N LEU A 49 -3.79 -16.52 -11.75
CA LEU A 49 -3.27 -16.13 -13.09
C LEU A 49 -2.99 -14.61 -13.19
N THR A 50 -3.89 -13.78 -12.68
CA THR A 50 -3.60 -12.34 -12.55
C THR A 50 -2.32 -12.06 -11.75
N MET A 51 -2.11 -12.84 -10.69
CA MET A 51 -0.91 -12.70 -9.86
C MET A 51 0.35 -13.02 -10.63
N ARG A 52 0.35 -14.14 -11.34
CA ARG A 52 1.45 -14.51 -12.21
C ARG A 52 1.76 -13.38 -13.19
N ARG A 53 0.72 -12.84 -13.82
CA ARG A 53 0.89 -11.76 -14.80
C ARG A 53 1.45 -10.47 -14.19
N ALA A 54 0.93 -10.08 -13.03
CA ALA A 54 1.44 -8.89 -12.33
C ALA A 54 2.91 -9.02 -11.98
N VAL A 55 3.32 -10.22 -11.56
CA VAL A 55 4.72 -10.48 -11.21
C VAL A 55 5.63 -10.43 -12.44
N GLU A 56 5.23 -11.13 -13.50
CA GLU A 56 5.97 -11.09 -14.79
C GLU A 56 6.15 -9.64 -15.26
N LEU A 57 5.08 -8.85 -15.18
CA LEU A 57 5.13 -7.45 -15.59
C LEU A 57 6.08 -6.62 -14.70
N ALA A 58 6.06 -6.88 -13.40
CA ALA A 58 6.95 -6.18 -12.46
C ALA A 58 8.41 -6.57 -12.70
N VAL A 59 8.65 -7.87 -12.88
CA VAL A 59 9.96 -8.45 -13.16
C VAL A 59 10.55 -7.82 -14.43
N ARG A 60 9.69 -7.69 -15.43
CA ARG A 60 10.02 -7.14 -16.73
C ARG A 60 10.44 -5.67 -16.70
N HIS A 61 10.01 -4.93 -15.68
CA HIS A 61 10.35 -3.51 -15.57
C HIS A 61 11.28 -3.17 -14.39
N GLY A 62 11.82 -4.18 -13.73
CA GLY A 62 12.77 -3.95 -12.63
C GLY A 62 12.14 -3.41 -11.35
N VAL A 63 10.83 -3.57 -11.20
CA VAL A 63 10.11 -3.02 -10.05
C VAL A 63 10.12 -3.95 -8.84
N SER A 64 10.26 -3.38 -7.66
CA SER A 64 10.25 -4.13 -6.40
C SER A 64 8.81 -4.58 -6.07
N ILE A 65 8.65 -5.85 -5.70
CA ILE A 65 7.32 -6.42 -5.51
C ILE A 65 6.99 -6.51 -4.03
N GLY A 66 5.90 -5.87 -3.62
CA GLY A 66 5.36 -6.09 -2.27
C GLY A 66 4.11 -6.95 -2.27
N ALA A 67 3.91 -7.68 -1.19
CA ALA A 67 2.68 -8.42 -0.99
C ALA A 67 1.65 -7.40 -0.48
N HIS A 68 0.46 -7.42 -1.07
CA HIS A 68 -0.61 -6.48 -0.75
C HIS A 68 -1.82 -7.25 -0.19
N PRO A 69 -1.68 -7.81 1.03
CA PRO A 69 -2.71 -8.68 1.60
C PRO A 69 -3.91 -7.92 2.16
N ALA A 70 -5.07 -8.57 2.15
CA ALA A 70 -6.32 -7.95 2.58
C ALA A 70 -7.15 -8.93 3.38
N TYR A 71 -8.20 -8.38 4.00
CA TYR A 71 -9.28 -9.17 4.57
C TYR A 71 -9.93 -9.96 3.43
N PRO A 72 -10.55 -11.09 3.76
CA PRO A 72 -11.27 -11.88 2.77
C PRO A 72 -12.61 -11.23 2.44
N ASP A 73 -12.64 -10.42 1.38
CA ASP A 73 -13.83 -9.65 1.02
C ASP A 73 -13.73 -9.17 -0.42
N LEU A 74 -14.10 -10.04 -1.35
CA LEU A 74 -13.98 -9.75 -2.80
C LEU A 74 -14.99 -8.71 -3.25
N SER A 75 -16.24 -8.87 -2.84
CA SER A 75 -17.28 -7.96 -3.27
C SER A 75 -17.09 -6.55 -2.72
N GLY A 76 -16.38 -6.42 -1.60
CA GLY A 76 -16.03 -5.10 -1.03
C GLY A 76 -14.65 -4.58 -1.40
N PHE A 77 -13.93 -5.34 -2.23
CA PHE A 77 -12.56 -4.98 -2.67
C PHE A 77 -11.61 -4.77 -1.48
N GLY A 78 -11.87 -5.48 -0.38
CA GLY A 78 -11.07 -5.35 0.84
C GLY A 78 -11.02 -3.98 1.50
N ARG A 79 -12.00 -3.12 1.17
CA ARG A 79 -12.05 -1.76 1.70
C ARG A 79 -13.05 -1.59 2.86
N ARG A 80 -13.53 -2.71 3.41
CA ARG A 80 -14.46 -2.71 4.52
C ARG A 80 -13.81 -3.41 5.68
N SER A 81 -13.82 -2.77 6.84
CA SER A 81 -13.27 -3.39 8.05
C SER A 81 -14.06 -4.61 8.44
N LEU A 82 -13.33 -5.68 8.73
CA LEU A 82 -13.87 -6.97 9.12
C LEU A 82 -13.26 -7.30 10.47
N ALA A 83 -14.11 -7.50 11.49
CA ALA A 83 -13.63 -7.70 12.85
C ALA A 83 -13.07 -9.11 12.97
N CYS A 84 -11.80 -9.28 12.61
CA CYS A 84 -11.11 -10.56 12.73
C CYS A 84 -10.26 -10.59 14.00
N SER A 85 -10.00 -11.80 14.50
CA SER A 85 -9.05 -11.94 15.60
C SER A 85 -7.63 -11.75 15.06
N ALA A 86 -6.70 -11.45 15.96
CA ALA A 86 -5.28 -11.33 15.65
C ALA A 86 -4.72 -12.63 15.04
N GLU A 87 -5.26 -13.73 15.55
CA GLU A 87 -4.92 -15.07 15.11
CA GLU A 87 -4.94 -15.07 15.10
C GLU A 87 -5.35 -15.28 13.65
N GLU A 88 -6.57 -14.87 13.31
CA GLU A 88 -7.10 -14.92 11.95
C GLU A 88 -6.28 -14.04 11.01
N VAL A 89 -5.92 -12.84 11.48
CA VAL A 89 -5.15 -11.90 10.67
C VAL A 89 -3.70 -12.37 10.41
N HIS A 90 -3.01 -12.80 11.47
CA HIS A 90 -1.71 -13.42 11.32
C HIS A 90 -1.70 -14.46 10.20
N ALA A 91 -2.63 -15.41 10.26
CA ALA A 91 -2.66 -16.52 9.32
C ALA A 91 -3.02 -16.12 7.88
N MET A 92 -3.93 -15.17 7.71
CA MET A 92 -4.32 -14.73 6.38
C MET A 92 -3.27 -13.86 5.71
N VAL A 93 -2.43 -13.20 6.51
CA VAL A 93 -1.28 -12.47 5.98
C VAL A 93 -0.20 -13.44 5.53
N LEU A 94 0.13 -14.39 6.40
CA LEU A 94 1.13 -15.40 6.09
C LEU A 94 0.75 -16.16 4.81
N TYR A 95 -0.52 -16.57 4.73
CA TYR A 95 -1.04 -17.29 3.59
C TYR A 95 -0.81 -16.52 2.29
N GLN A 96 -1.14 -15.23 2.32
CA GLN A 96 -1.11 -14.38 1.15
C GLN A 96 0.31 -14.05 0.70
N ILE A 97 1.19 -13.80 1.66
CA ILE A 97 2.61 -13.60 1.36
C ILE A 97 3.19 -14.83 0.66
N GLY A 98 2.92 -16.02 1.18
CA GLY A 98 3.45 -17.26 0.59
C GLY A 98 2.89 -17.57 -0.79
N ALA A 99 1.61 -17.25 -1.01
CA ALA A 99 0.98 -17.45 -2.33
C ALA A 99 1.65 -16.58 -3.42
N LEU A 100 1.81 -15.29 -3.13
CA LEU A 100 2.52 -14.37 -4.02
C LEU A 100 3.98 -14.73 -4.20
N ASP A 101 4.65 -15.05 -3.10
CA ASP A 101 6.08 -15.40 -3.15
C ASP A 101 6.35 -16.64 -4.03
N ALA A 102 5.36 -17.52 -4.16
CA ALA A 102 5.50 -18.69 -5.02
C ALA A 102 5.74 -18.26 -6.45
N PHE A 103 5.01 -17.23 -6.89
CA PHE A 103 5.16 -16.71 -8.24
C PHE A 103 6.47 -15.94 -8.38
N CYS A 104 6.84 -15.17 -7.36
CA CYS A 104 8.09 -14.40 -7.37
C CYS A 104 9.30 -15.30 -7.59
N ARG A 105 9.40 -16.37 -6.80
CA ARG A 105 10.55 -17.28 -6.88
C ARG A 105 10.61 -18.09 -8.18
N SER A 106 9.47 -18.47 -8.73
CA SER A 106 9.44 -19.09 -10.06
C SER A 106 10.01 -18.12 -11.14
N LEU A 107 10.00 -16.83 -10.83
CA LEU A 107 10.55 -15.78 -11.70
C LEU A 107 11.82 -15.16 -11.14
N GLY A 108 12.49 -15.88 -10.25
CA GLY A 108 13.86 -15.54 -9.82
C GLY A 108 13.98 -14.33 -8.91
N THR A 109 12.86 -13.89 -8.34
CA THR A 109 12.85 -12.78 -7.40
C THR A 109 12.13 -13.21 -6.13
N GLN A 110 11.73 -12.24 -5.31
CA GLN A 110 11.04 -12.54 -4.06
C GLN A 110 10.22 -11.34 -3.65
N VAL A 111 9.24 -11.59 -2.79
CA VAL A 111 8.50 -10.51 -2.10
C VAL A 111 9.47 -9.65 -1.29
N ALA A 112 9.50 -8.35 -1.58
CA ALA A 112 10.51 -7.43 -1.01
C ALA A 112 9.98 -6.63 0.17
N TYR A 113 8.66 -6.52 0.29
CA TYR A 113 8.02 -5.90 1.47
C TYR A 113 6.55 -6.32 1.52
N VAL A 114 5.86 -5.89 2.57
CA VAL A 114 4.41 -6.10 2.71
C VAL A 114 3.70 -4.76 2.93
N LYS A 115 2.68 -4.49 2.11
CA LYS A 115 1.74 -3.39 2.34
C LYS A 115 0.31 -3.89 2.41
N PRO A 116 -0.26 -3.96 3.62
CA PRO A 116 -1.67 -4.28 3.74
C PRO A 116 -2.56 -3.40 2.84
N HIS A 117 -3.67 -3.98 2.38
CA HIS A 117 -4.62 -3.28 1.49
C HIS A 117 -5.85 -2.84 2.26
N GLY A 118 -6.47 -1.75 1.81
CA GLY A 118 -7.84 -1.43 2.17
C GLY A 118 -8.04 -1.18 3.66
N ALA A 119 -9.16 -1.66 4.20
CA ALA A 119 -9.48 -1.43 5.61
C ALA A 119 -8.42 -2.02 6.56
N LEU A 120 -7.81 -3.13 6.18
CA LEU A 120 -6.78 -3.72 7.00
C LEU A 120 -5.66 -2.71 7.27
N TYR A 121 -5.19 -2.04 6.22
CA TYR A 121 -4.11 -1.04 6.33
C TYR A 121 -4.47 0.08 7.30
N ASN A 122 -5.68 0.59 7.16
CA ASN A 122 -6.15 1.64 8.05
C ASN A 122 -6.44 1.15 9.47
N ASP A 123 -6.90 -0.09 9.63
CA ASP A 123 -7.16 -0.64 10.97
C ASP A 123 -5.87 -0.82 11.79
N LEU A 124 -4.75 -0.96 11.11
CA LEU A 124 -3.46 -1.08 11.78
C LEU A 124 -3.03 0.23 12.43
N VAL A 125 -3.51 1.35 11.90
CA VAL A 125 -3.14 2.66 12.43
C VAL A 125 -3.67 2.88 13.87
N GLY A 126 -4.79 2.24 14.20
CA GLY A 126 -5.39 2.39 15.54
C GLY A 126 -5.40 1.14 16.41
N ASP A 127 -4.96 -0.01 15.88
CA ASP A 127 -5.06 -1.29 16.62
C ASP A 127 -3.70 -1.98 16.81
N ASP A 128 -3.17 -1.87 18.02
CA ASP A 128 -1.87 -2.45 18.41
C ASP A 128 -1.83 -3.96 18.25
N GLU A 129 -2.93 -4.64 18.59
CA GLU A 129 -2.99 -6.07 18.56
C GLU A 129 -2.97 -6.61 17.12
N LEU A 130 -3.59 -5.89 16.19
CA LEU A 130 -3.56 -6.24 14.76
C LEU A 130 -2.21 -5.93 14.12
N LEU A 131 -1.60 -4.82 14.51
CA LEU A 131 -0.28 -4.46 13.98
C LEU A 131 0.78 -5.47 14.45
N ARG A 132 0.69 -5.88 15.73
CA ARG A 132 1.57 -6.93 16.26
C ARG A 132 1.42 -8.25 15.50
N ALA A 133 0.17 -8.57 15.16
CA ALA A 133 -0.12 -9.81 14.49
C ALA A 133 0.47 -9.73 13.07
N VAL A 134 0.23 -8.61 12.39
CA VAL A 134 0.78 -8.37 11.05
C VAL A 134 2.33 -8.32 11.04
N LEU A 135 2.93 -7.64 12.02
CA LEU A 135 4.37 -7.60 12.13
C LEU A 135 4.95 -8.99 12.32
N ASP A 136 4.31 -9.80 13.16
CA ASP A 136 4.77 -11.15 13.47
C ASP A 136 4.64 -12.09 12.24
N ALA A 137 3.62 -11.88 11.42
CA ALA A 137 3.49 -12.65 10.17
C ALA A 137 4.65 -12.33 9.24
N CYS A 138 5.02 -11.05 9.16
CA CYS A 138 6.20 -10.65 8.36
C CYS A 138 7.50 -11.31 8.83
N ALA A 139 7.73 -11.28 10.13
CA ALA A 139 8.91 -11.90 10.74
C ALA A 139 8.93 -13.43 10.58
N ALA A 140 7.78 -14.07 10.77
CA ALA A 140 7.65 -15.52 10.55
C ALA A 140 8.00 -15.90 9.12
N TYR A 141 7.62 -15.08 8.15
CA TYR A 141 7.87 -15.43 6.76
C TYR A 141 9.36 -15.28 6.39
N ARG A 142 9.94 -14.11 6.60
CA ARG A 142 11.36 -13.93 6.34
C ARG A 142 12.03 -12.81 7.13
N LYS A 143 13.12 -13.15 7.81
CA LYS A 143 14.03 -12.20 8.44
C LYS A 143 14.31 -11.01 7.49
N GLY A 144 14.02 -9.79 7.94
CA GLY A 144 14.30 -8.59 7.16
C GLY A 144 13.17 -8.05 6.27
N LEU A 145 12.06 -8.78 6.15
CA LEU A 145 10.93 -8.39 5.28
C LEU A 145 10.20 -7.19 5.88
N PRO A 146 10.27 -6.01 5.22
CA PRO A 146 9.67 -4.83 5.81
C PRO A 146 8.15 -4.78 5.70
N LEU A 147 7.55 -4.12 6.68
CA LEU A 147 6.14 -3.74 6.64
C LEU A 147 6.02 -2.26 6.29
N MET A 148 5.11 -1.93 5.38
CA MET A 148 4.85 -0.55 5.04
C MET A 148 3.66 -0.04 5.85
N VAL A 149 3.85 1.08 6.55
CA VAL A 149 2.78 1.64 7.35
C VAL A 149 2.59 3.15 7.09
N LEU A 150 1.50 3.69 7.62
CA LEU A 150 1.12 5.09 7.37
C LEU A 150 2.06 6.03 8.10
N ALA A 151 2.75 6.88 7.34
CA ALA A 151 3.56 7.95 7.93
C ALA A 151 2.65 8.91 8.67
N LEU A 152 3.09 9.30 9.86
CA LEU A 152 2.42 10.27 10.70
C LEU A 152 3.46 11.31 11.14
N ALA A 153 2.99 12.38 11.77
CA ALA A 153 3.89 13.34 12.42
C ALA A 153 4.79 12.59 13.41
N ASP A 154 4.15 11.79 14.28
CA ASP A 154 4.86 10.96 15.26
C ASP A 154 4.54 9.50 14.95
N ASN A 155 5.55 8.72 14.58
CA ASN A 155 5.40 7.27 14.30
C ASN A 155 5.97 6.42 15.44
N GLY A 156 5.95 6.97 16.65
CA GLY A 156 6.53 6.32 17.82
C GLY A 156 5.91 4.99 18.23
N ARG A 157 4.60 4.84 18.05
CA ARG A 157 3.94 3.59 18.44
C ARG A 157 4.36 2.50 17.50
N GLU A 158 4.47 2.82 16.22
CA GLU A 158 4.80 1.83 15.20
C GLU A 158 6.25 1.43 15.29
N LEU A 159 7.13 2.40 15.49
CA LEU A 159 8.56 2.14 15.68
C LEU A 159 8.79 1.20 16.86
N GLU A 160 8.08 1.42 17.96
CA GLU A 160 8.23 0.57 19.15
C GLU A 160 7.78 -0.88 18.92
N LEU A 161 6.62 -1.07 18.30
CA LEU A 161 6.13 -2.44 18.05
C LEU A 161 7.00 -3.17 17.01
N ALA A 162 7.41 -2.45 15.96
CA ALA A 162 8.31 -2.98 14.95
C ALA A 162 9.65 -3.44 15.55
N ASP A 163 10.07 -2.73 16.58
CA ASP A 163 11.32 -3.04 17.29
C ASP A 163 11.17 -4.35 18.07
N GLU A 164 10.07 -4.47 18.81
CA GLU A 164 9.72 -5.72 19.51
C GLU A 164 9.67 -6.95 18.59
N ALA A 165 9.25 -6.76 17.34
CA ALA A 165 9.13 -7.87 16.37
C ALA A 165 10.37 -8.01 15.49
N ASP A 166 11.23 -6.99 15.55
CA ASP A 166 12.44 -6.89 14.74
C ASP A 166 12.10 -6.94 13.23
N VAL A 167 11.08 -6.16 12.87
CA VAL A 167 10.69 -5.98 11.48
C VAL A 167 11.01 -4.54 11.04
N PRO A 168 11.72 -4.35 9.91
CA PRO A 168 11.90 -2.99 9.41
C PRO A 168 10.58 -2.37 8.98
N LEU A 169 10.48 -1.05 9.05
CA LEU A 169 9.29 -0.32 8.67
C LEU A 169 9.57 0.59 7.48
N LEU A 170 8.59 0.69 6.58
CA LEU A 170 8.62 1.69 5.52
C LEU A 170 7.45 2.64 5.77
N PHE A 171 7.76 3.94 5.84
CA PHE A 171 6.73 4.93 6.11
C PHE A 171 6.19 5.47 4.80
N GLU A 172 4.88 5.33 4.64
CA GLU A 172 4.19 5.65 3.40
C GLU A 172 3.27 6.87 3.53
N ALA A 173 3.31 7.72 2.51
CA ALA A 173 2.36 8.82 2.36
C ALA A 173 1.62 8.65 1.03
N PHE A 174 0.56 9.42 0.88
CA PHE A 174 -0.35 9.29 -0.24
C PHE A 174 -0.49 10.62 -0.99
N ALA A 175 -0.35 10.54 -2.31
CA ALA A 175 -0.46 11.70 -3.18
C ALA A 175 -1.91 12.09 -3.47
N ASP A 176 -2.78 11.09 -3.57
CA ASP A 176 -4.16 11.26 -4.09
C ASP A 176 -5.26 10.97 -3.06
N ARG A 177 -4.93 11.12 -1.78
CA ARG A 177 -5.90 10.93 -0.72
C ARG A 177 -5.85 12.16 0.18
N ALA A 178 -7.02 12.59 0.64
CA ALA A 178 -7.11 13.74 1.56
C ALA A 178 -6.81 13.25 2.96
N TYR A 179 -6.04 14.04 3.72
CA TYR A 179 -5.66 13.70 5.08
C TYR A 179 -6.57 14.42 6.06
N LEU A 180 -6.90 13.76 7.17
CA LEU A 180 -7.60 14.41 8.27
C LEU A 180 -6.57 15.14 9.11
N PRO A 181 -7.01 16.12 9.92
CA PRO A 181 -6.09 16.87 10.80
C PRO A 181 -5.24 15.97 11.68
N ASP A 182 -5.81 14.85 12.12
CA ASP A 182 -5.13 13.93 13.05
C ASP A 182 -4.08 13.02 12.40
N GLY A 183 -3.88 13.14 11.09
CA GLY A 183 -2.84 12.38 10.37
C GLY A 183 -3.36 11.18 9.60
N ARG A 184 -4.57 10.73 9.93
CA ARG A 184 -5.21 9.63 9.23
C ARG A 184 -5.74 10.10 7.89
N LEU A 185 -6.00 9.14 7.02
CA LEU A 185 -6.61 9.42 5.72
C LEU A 185 -8.14 9.55 5.86
N ALA A 186 -8.73 10.43 5.05
CA ALA A 186 -10.17 10.62 5.07
C ALA A 186 -10.82 9.33 4.59
N PRO A 187 -11.81 8.83 5.35
CA PRO A 187 -12.50 7.60 4.94
C PRO A 187 -13.12 7.75 3.55
N ARG A 188 -13.06 6.69 2.75
CA ARG A 188 -13.64 6.70 1.40
C ARG A 188 -15.15 6.90 1.40
N ARG A 189 -15.83 6.50 2.48
CA ARG A 189 -17.29 6.68 2.59
C ARG A 189 -17.67 8.15 2.88
N LEU A 190 -17.07 9.08 2.12
CA LEU A 190 -17.21 10.51 2.36
C LEU A 190 -16.57 11.27 1.19
N GLY A 191 -17.31 12.20 0.59
CA GLY A 191 -16.83 12.97 -0.56
C GLY A 191 -15.54 13.73 -0.29
N GLY A 192 -14.69 13.82 -1.32
CA GLY A 192 -13.41 14.54 -1.22
C GLY A 192 -12.27 13.71 -0.66
N ALA A 193 -12.53 12.43 -0.41
CA ALA A 193 -11.54 11.51 0.15
C ALA A 193 -10.42 11.17 -0.83
N VAL A 194 -10.74 11.15 -2.13
CA VAL A 194 -9.75 10.94 -3.19
C VAL A 194 -9.65 12.24 -3.99
N HIS A 195 -8.42 12.70 -4.23
CA HIS A 195 -8.19 13.86 -5.10
C HIS A 195 -8.44 13.49 -6.57
N HIS A 196 -9.31 14.26 -7.22
CA HIS A 196 -9.54 14.13 -8.66
C HIS A 196 -9.01 15.35 -9.43
N ASP A 197 -8.47 16.33 -8.72
CA ASP A 197 -7.80 17.46 -9.34
C ASP A 197 -6.34 17.05 -9.54
N PRO A 198 -5.88 16.94 -10.80
CA PRO A 198 -4.50 16.48 -11.02
C PRO A 198 -3.46 17.42 -10.37
N GLN A 199 -3.68 18.72 -10.49
CA GLN A 199 -2.77 19.69 -9.91
C GLN A 199 -2.68 19.56 -8.39
N ARG A 200 -3.81 19.26 -7.75
CA ARG A 200 -3.83 19.02 -6.30
C ARG A 200 -2.98 17.81 -5.94
N ILE A 201 -3.02 16.78 -6.80
CA ILE A 201 -2.26 15.55 -6.58
C ILE A 201 -0.75 15.82 -6.70
N ILE A 202 -0.37 16.54 -7.75
CA ILE A 202 1.03 16.87 -7.97
C ILE A 202 1.60 17.68 -6.80
N GLU A 203 0.85 18.70 -6.37
CA GLU A 203 1.28 19.58 -5.28
C GLU A 203 1.42 18.86 -3.95
N GLN A 204 0.47 17.97 -3.63
CA GLN A 204 0.51 17.22 -2.38
C GLN A 204 1.71 16.27 -2.36
N ALA A 205 1.91 15.58 -3.48
CA ALA A 205 3.04 14.70 -3.71
C ALA A 205 4.40 15.38 -3.50
N LEU A 206 4.56 16.57 -4.06
CA LEU A 206 5.84 17.31 -3.99
C LEU A 206 6.06 17.98 -2.63
N ALA A 207 4.96 18.36 -1.96
CA ALA A 207 5.07 18.84 -0.59
C ALA A 207 5.60 17.73 0.31
N ILE A 208 5.11 16.51 0.13
CA ILE A 208 5.62 15.33 0.85
C ILE A 208 7.09 15.02 0.49
N ALA A 209 7.37 14.98 -0.81
CA ALA A 209 8.73 14.78 -1.30
C ALA A 209 9.74 15.75 -0.69
N ARG A 210 9.31 16.98 -0.42
CA ARG A 210 10.15 18.05 0.14
C ARG A 210 10.06 18.23 1.66
N GLY A 211 9.11 17.54 2.29
CA GLY A 211 8.86 17.73 3.73
C GLY A 211 8.19 19.05 4.05
N GLU A 212 7.46 19.60 3.08
CA GLU A 212 6.74 20.87 3.22
C GLU A 212 5.29 20.62 3.55
N ALA A 213 4.66 21.61 4.15
CA ALA A 213 3.24 21.53 4.50
C ALA A 213 2.36 21.47 3.25
N PHE A 214 1.25 20.77 3.35
CA PHE A 214 0.24 20.74 2.31
C PHE A 214 -1.16 20.82 2.93
N PRO A 215 -2.17 21.21 2.14
CA PRO A 215 -3.51 21.32 2.72
C PRO A 215 -4.15 19.97 3.03
N ASP A 216 -4.64 19.82 4.26
CA ASP A 216 -5.39 18.64 4.67
C ASP A 216 -6.81 18.71 4.11
N TYR A 217 -7.69 17.85 4.61
CA TYR A 217 -9.10 17.78 4.18
C TYR A 217 -9.85 19.11 4.28
N ASP A 218 -9.57 19.87 5.33
CA ASP A 218 -10.21 21.16 5.56
C ASP A 218 -9.35 22.33 5.07
N GLY A 219 -8.34 22.05 4.25
CA GLY A 219 -7.44 23.09 3.72
C GLY A 219 -6.44 23.66 4.71
N ASN A 220 -6.32 23.03 5.87
CA ASN A 220 -5.35 23.44 6.89
C ASN A 220 -4.04 22.67 6.71
N PRO A 221 -2.90 23.30 7.05
CA PRO A 221 -1.62 22.69 6.71
C PRO A 221 -1.21 21.49 7.58
N LEU A 222 -0.66 20.46 6.91
CA LEU A 222 -0.20 19.23 7.53
C LEU A 222 1.18 18.88 6.96
N ARG A 223 2.12 18.49 7.82
CA ARG A 223 3.49 18.21 7.39
C ARG A 223 3.86 16.74 7.58
N LEU A 224 4.39 16.13 6.52
CA LEU A 224 4.83 14.74 6.57
C LEU A 224 6.14 14.56 5.82
N THR A 225 6.91 13.58 6.25
CA THR A 225 8.03 13.05 5.47
C THR A 225 7.81 11.53 5.40
N ALA A 226 8.15 10.93 4.27
CA ALA A 226 7.87 9.52 4.05
C ALA A 226 8.92 8.87 3.18
N ASP A 227 9.09 7.55 3.36
CA ASP A 227 10.01 6.74 2.55
C ASP A 227 9.37 6.33 1.22
N SER A 228 8.03 6.23 1.20
CA SER A 228 7.31 5.81 -0.01
C SER A 228 6.03 6.63 -0.25
N LEU A 229 5.74 6.92 -1.52
CA LEU A 229 4.59 7.73 -1.90
C LEU A 229 3.64 6.94 -2.79
N CYS A 230 2.41 6.72 -2.30
CA CYS A 230 1.41 5.94 -3.04
C CYS A 230 0.61 6.80 -4.00
N VAL A 231 0.48 6.26 -5.21
CA VAL A 231 -0.37 6.78 -6.27
C VAL A 231 -1.27 5.63 -6.76
N HIS A 232 -2.59 5.87 -6.85
CA HIS A 232 -3.56 4.83 -7.17
C HIS A 232 -3.84 4.74 -8.67
N GLY A 233 -3.72 3.53 -9.22
CA GLY A 233 -4.07 3.23 -10.61
C GLY A 233 -5.57 3.06 -10.80
N ASP A 234 -6.29 2.79 -9.70
CA ASP A 234 -7.76 2.87 -9.65
C ASP A 234 -8.20 4.23 -10.16
N ASN A 235 -7.62 5.25 -9.54
CA ASN A 235 -7.97 6.65 -9.77
C ASN A 235 -7.45 7.09 -11.16
N PRO A 236 -8.37 7.38 -12.11
CA PRO A 236 -7.96 7.70 -13.50
C PRO A 236 -7.20 9.02 -13.69
N GLN A 237 -7.48 10.02 -12.84
CA GLN A 237 -6.75 11.29 -12.89
C GLN A 237 -5.33 11.12 -12.34
N SER A 238 -5.22 10.36 -11.26
CA SER A 238 -3.92 10.01 -10.69
C SER A 238 -3.10 9.15 -11.66
N LEU A 239 -3.79 8.47 -12.58
CA LEU A 239 -3.16 7.72 -13.67
C LEU A 239 -2.64 8.69 -14.74
N ALA A 240 -3.52 9.53 -15.28
CA ALA A 240 -3.16 10.43 -16.38
C ALA A 240 -2.24 11.58 -15.95
N VAL A 241 -1.86 11.62 -14.67
CA VAL A 241 -0.89 12.57 -14.14
C VAL A 241 0.34 11.86 -13.56
N LEU A 242 0.48 10.56 -13.84
CA LEU A 242 1.50 9.75 -13.18
C LEU A 242 2.94 10.09 -13.62
N ARG A 243 3.09 10.70 -14.79
CA ARG A 243 4.40 11.25 -15.19
C ARG A 243 4.79 12.48 -14.35
N ARG A 244 4.61 12.36 -13.03
CA ARG A 244 5.22 13.24 -12.04
C ARG A 244 6.44 12.52 -11.44
N LEU A 245 6.74 11.34 -11.97
CA LEU A 245 8.05 10.69 -11.77
C LEU A 245 9.15 11.61 -12.29
N ARG A 246 8.84 12.27 -13.41
CA ARG A 246 9.77 13.17 -14.07
C ARG A 246 10.03 14.41 -13.21
N ALA A 247 9.01 14.83 -12.45
CA ALA A 247 9.22 15.85 -11.43
C ALA A 247 10.08 15.25 -10.33
N ALA A 248 11.35 15.67 -10.30
CA ALA A 248 12.34 15.13 -9.37
C ALA A 248 13.74 15.61 -9.77
#